data_2W22
#
_entry.id   2W22
#
_cell.length_a   73.070
_cell.length_b   128.080
_cell.length_c   127.490
_cell.angle_alpha   90.00
_cell.angle_beta   90.00
_cell.angle_gamma   90.00
#
_symmetry.space_group_name_H-M   'I 2 2 2'
#
loop_
_entity.id
_entity.type
_entity.pdbx_description
1 polymer 'TRIACYLGLYCEROL LIPASE'
2 non-polymer 'CALCIUM ION'
3 non-polymer 'ZINC ION'
4 non-polymer '2-(2-{2-[2-(2-{2-[2-(2-{2-[4-(1,1,3,3-TETRAMETHYL-BUTYL)-PHENOXY]-ETHOXY}-ETHOXY)-ETHOXY]-ETHOXY}-ETHOXY)-ETHOXY]-ETHOX Y}-ETHOXY)-ETHANOL'
5 non-polymer (4S)-2-METHYL-2,4-PENTANEDIOL
6 water water
#
_entity_poly.entity_id   1
_entity_poly.type   'polypeptide(L)'
_entity_poly.pdbx_seq_one_letter_code
;MASPRANDAPIVLLHGFTGWGREEMLGFKYWGGVRGDIEQWLNDNGYRTYTLAVGPLSSNWDRACEAYAQLVGGTVDYGA
AHAAKHGHARFGRTYPGLLPELKRGGRVHIIAHSQGGQTARMLVSLLENGSQEEREYAKAHNVSLSPLFEGGHHFVLSVT
TIATPHDGTTLVNMVDFTDRFFDLQKAVLKAAAVASNVPYTSQVYDFKLDQWGLRRQPGESFDHYFERLKRSPVWTSTDT
ARYDLSIPGAEKLNQWVQASPNTYYLSFSTERTHRGALTGNYYPELGMNAFSAVVCAPFLGSYRNEALGIDDRWLENDGI
VNTVSMNGPKRGSSDRIVPYDGTLKKGVWNDMGTYNVDHLEVIGVDPNPSFDIRAFYLRLAEQLASLRP
;
_entity_poly.pdbx_strand_id   A
#
loop_
_chem_comp.id
_chem_comp.type
_chem_comp.name
_chem_comp.formula
CA non-polymer 'CALCIUM ION' 'Ca 2'
EGC non-polymer '2-(2-{2-[2-(2-{2-[2-(2-{2-[4-(1,1,3,3-TETRAMETHYL-BUTYL)-PHENOXY]-ETHOXY}-ETHOXY)-ETHOXY]-ETHOXY}-ETHOXY)-ETHOXY]-ETHOX Y}-ETHOXY)-ETHANOL' 'C32 H58 O10'
MPD non-polymer (4S)-2-METHYL-2,4-PENTANEDIOL 'C6 H14 O2'
ZN non-polymer 'ZINC ION' 'Zn 2'
#
# COMPACT_ATOMS: atom_id res chain seq x y z
N ALA A 2 5.98 -26.96 -11.12
CA ALA A 2 7.25 -26.92 -11.89
C ALA A 2 7.45 -25.55 -12.56
N SER A 3 7.96 -25.58 -13.79
CA SER A 3 8.22 -24.35 -14.56
C SER A 3 9.32 -23.56 -13.85
N PRO A 4 10.59 -23.93 -14.09
CA PRO A 4 11.75 -23.27 -13.48
C PRO A 4 12.00 -21.82 -13.88
N ARG A 5 13.12 -21.30 -13.38
CA ARG A 5 13.57 -19.92 -13.60
C ARG A 5 13.49 -19.41 -15.03
N ALA A 6 12.61 -18.44 -15.26
CA ALA A 6 12.43 -17.85 -16.58
C ALA A 6 12.97 -16.41 -16.59
N ASN A 7 13.24 -15.87 -15.41
CA ASN A 7 13.77 -14.51 -15.29
C ASN A 7 14.53 -14.34 -13.99
N ASP A 8 15.46 -13.39 -13.97
CA ASP A 8 16.23 -13.14 -12.76
C ASP A 8 15.98 -11.73 -12.24
N ALA A 9 14.84 -11.15 -12.64
CA ALA A 9 14.49 -9.80 -12.21
C ALA A 9 14.40 -9.76 -10.69
N PRO A 10 14.84 -8.65 -10.08
CA PRO A 10 14.81 -8.51 -8.63
C PRO A 10 13.41 -8.31 -8.07
N ILE A 11 13.31 -8.44 -6.75
CA ILE A 11 12.05 -8.29 -6.03
C ILE A 11 12.14 -7.13 -5.04
N VAL A 12 11.07 -6.35 -4.94
CA VAL A 12 11.02 -5.26 -3.97
C VAL A 12 9.80 -5.48 -3.10
N LEU A 13 9.97 -5.26 -1.81
CA LEU A 13 8.88 -5.42 -0.87
C LEU A 13 8.26 -4.06 -0.62
N LEU A 14 6.94 -4.01 -0.64
CA LEU A 14 6.22 -2.77 -0.44
C LEU A 14 5.13 -2.91 0.61
N HIS A 15 5.38 -2.31 1.77
CA HIS A 15 4.49 -2.33 2.93
C HIS A 15 3.22 -1.54 2.68
N GLY A 16 2.24 -1.73 3.56
CA GLY A 16 0.97 -1.03 3.44
C GLY A 16 0.81 0.11 4.45
N PHE A 17 -0.40 0.26 4.95
CA PHE A 17 -0.72 1.32 5.92
C PHE A 17 0.11 1.19 7.21
N THR A 18 0.73 2.29 7.60
CA THR A 18 1.59 2.41 8.78
C THR A 18 2.93 1.70 8.65
N GLY A 19 3.12 0.98 7.55
CA GLY A 19 4.37 0.26 7.33
C GLY A 19 5.61 1.11 7.53
N TRP A 20 6.65 0.49 8.11
CA TRP A 20 7.91 1.19 8.39
C TRP A 20 9.10 0.49 7.71
N GLY A 21 10.19 1.23 7.52
CA GLY A 21 11.37 0.67 6.88
C GLY A 21 12.26 -0.17 7.79
N ARG A 22 13.22 -0.86 7.18
CA ARG A 22 14.14 -1.71 7.92
C ARG A 22 14.90 -1.01 9.04
N GLU A 23 15.19 0.28 8.86
CA GLU A 23 15.95 1.01 9.87
C GLU A 23 15.07 1.65 10.94
N GLU A 24 13.78 1.29 10.95
CA GLU A 24 12.86 1.83 11.95
C GLU A 24 12.41 0.75 12.91
N MET A 25 11.72 1.16 13.97
CA MET A 25 11.19 0.23 14.97
C MET A 25 12.25 -0.69 15.58
N LEU A 26 13.47 -0.18 15.70
CA LEU A 26 14.56 -0.94 16.30
C LEU A 26 14.86 -2.25 15.59
N GLY A 27 14.59 -2.29 14.29
CA GLY A 27 14.87 -3.50 13.54
C GLY A 27 13.71 -4.49 13.45
N PHE A 28 12.66 -4.28 14.22
CA PHE A 28 11.51 -5.18 14.14
C PHE A 28 10.99 -4.98 12.73
N LYS A 29 11.04 -6.03 11.92
CA LYS A 29 10.63 -5.96 10.52
C LYS A 29 9.14 -6.07 10.22
N TYR A 30 8.66 -5.18 9.35
CA TYR A 30 7.28 -5.19 8.92
C TYR A 30 7.13 -6.49 8.13
N TRP A 31 8.13 -6.77 7.29
CA TRP A 31 8.14 -7.99 6.50
C TRP A 31 8.84 -9.12 7.26
N GLY A 32 8.14 -9.72 8.20
CA GLY A 32 8.73 -10.81 8.98
C GLY A 32 8.25 -10.82 10.42
N GLY A 33 8.18 -9.63 11.01
CA GLY A 33 7.75 -9.52 12.39
C GLY A 33 8.49 -10.43 13.35
N VAL A 34 7.74 -11.13 14.19
CA VAL A 34 8.34 -12.03 15.18
C VAL A 34 8.78 -13.35 14.54
N ARG A 35 8.40 -13.57 13.28
CA ARG A 35 8.75 -14.79 12.59
C ARG A 35 10.13 -14.74 11.93
N GLY A 36 10.61 -13.53 11.63
CA GLY A 36 11.92 -13.42 11.01
C GLY A 36 12.10 -12.27 10.04
N ASP A 37 12.98 -12.45 9.07
CA ASP A 37 13.33 -11.44 8.07
C ASP A 37 13.07 -11.97 6.66
N ILE A 38 11.87 -11.72 6.13
CA ILE A 38 11.51 -12.20 4.80
C ILE A 38 12.48 -11.81 3.68
N GLU A 39 12.92 -10.55 3.68
CA GLU A 39 13.85 -10.09 2.67
C GLU A 39 15.12 -10.95 2.70
N GLN A 40 15.61 -11.23 3.90
CA GLN A 40 16.81 -12.04 4.07
C GLN A 40 16.62 -13.49 3.62
N TRP A 41 15.48 -14.08 3.96
CA TRP A 41 15.21 -15.46 3.55
C TRP A 41 15.27 -15.53 2.03
N LEU A 42 14.64 -14.56 1.38
CA LEU A 42 14.63 -14.53 -0.08
C LEU A 42 16.03 -14.33 -0.62
N ASN A 43 16.78 -13.39 -0.04
CA ASN A 43 18.14 -13.14 -0.51
C ASN A 43 19.01 -14.38 -0.33
N ASP A 44 18.90 -15.03 0.83
CA ASP A 44 19.70 -16.23 1.09
C ASP A 44 19.41 -17.34 0.10
N ASN A 45 18.25 -17.27 -0.56
CA ASN A 45 17.86 -18.29 -1.52
C ASN A 45 18.10 -17.92 -2.97
N GLY A 46 18.84 -16.85 -3.21
CA GLY A 46 19.14 -16.45 -4.58
C GLY A 46 18.15 -15.51 -5.24
N TYR A 47 17.25 -14.92 -4.47
CA TYR A 47 16.29 -13.98 -5.05
C TYR A 47 16.69 -12.59 -4.61
N ARG A 48 17.25 -11.81 -5.54
CA ARG A 48 17.66 -10.44 -5.22
C ARG A 48 16.45 -9.69 -4.67
N THR A 49 16.51 -9.31 -3.40
CA THR A 49 15.38 -8.60 -2.80
C THR A 49 15.77 -7.32 -2.07
N TYR A 50 14.91 -6.30 -2.21
CA TYR A 50 15.11 -5.00 -1.58
C TYR A 50 13.79 -4.58 -0.94
N THR A 51 13.86 -3.68 0.03
CA THR A 51 12.67 -3.22 0.72
C THR A 51 12.42 -1.73 0.54
N LEU A 52 11.21 -1.38 0.14
CA LEU A 52 10.84 0.02 -0.05
C LEU A 52 10.23 0.53 1.24
N ALA A 53 10.39 1.82 1.50
CA ALA A 53 9.83 2.43 2.70
C ALA A 53 9.27 3.79 2.34
N VAL A 54 8.00 3.82 1.98
CA VAL A 54 7.33 5.05 1.59
C VAL A 54 6.32 5.50 2.64
N GLY A 55 5.73 6.67 2.42
CA GLY A 55 4.76 7.21 3.37
C GLY A 55 3.82 6.19 3.97
N PRO A 56 3.91 5.93 5.28
CA PRO A 56 3.03 4.96 5.94
C PRO A 56 1.58 5.41 6.05
N LEU A 57 1.36 6.73 6.06
CA LEU A 57 0.00 7.26 6.17
C LEU A 57 -0.41 8.09 4.97
N SER A 58 0.40 8.08 3.93
CA SER A 58 0.14 8.89 2.73
C SER A 58 -0.74 8.23 1.68
N SER A 59 -1.18 9.04 0.72
CA SER A 59 -1.99 8.57 -0.37
C SER A 59 -1.14 7.68 -1.26
N ASN A 60 -1.79 6.81 -2.02
CA ASN A 60 -1.06 5.94 -2.92
C ASN A 60 -0.31 6.75 -3.97
N TRP A 61 -0.86 7.89 -4.36
CA TRP A 61 -0.18 8.74 -5.33
C TRP A 61 1.17 9.16 -4.77
N ASP A 62 1.18 9.77 -3.59
CA ASP A 62 2.42 10.20 -2.95
C ASP A 62 3.38 9.00 -2.79
N ARG A 63 2.87 7.90 -2.28
CA ARG A 63 3.68 6.70 -2.06
C ARG A 63 4.24 6.15 -3.36
N ALA A 64 3.48 6.28 -4.44
CA ALA A 64 3.93 5.80 -5.75
C ALA A 64 5.10 6.67 -6.23
N CYS A 65 4.97 7.98 -6.07
CA CYS A 65 6.02 8.90 -6.50
C CYS A 65 7.28 8.66 -5.69
N GLU A 66 7.10 8.38 -4.41
CA GLU A 66 8.24 8.12 -3.53
C GLU A 66 8.89 6.80 -3.93
N ALA A 67 8.07 5.79 -4.20
CA ALA A 67 8.57 4.49 -4.61
C ALA A 67 9.40 4.62 -5.88
N TYR A 68 8.89 5.40 -6.83
CA TYR A 68 9.59 5.62 -8.10
C TYR A 68 10.99 6.21 -7.86
N ALA A 69 11.09 7.23 -7.01
CA ALA A 69 12.37 7.86 -6.73
C ALA A 69 13.31 6.92 -5.99
N GLN A 70 12.77 6.17 -5.04
CA GLN A 70 13.57 5.22 -4.27
C GLN A 70 14.14 4.13 -5.17
N LEU A 71 13.43 3.80 -6.25
CA LEU A 71 13.86 2.77 -7.17
C LEU A 71 14.91 3.24 -8.16
N VAL A 72 14.62 4.30 -8.90
CA VAL A 72 15.56 4.80 -9.90
C VAL A 72 16.50 5.89 -9.40
N GLY A 73 16.24 6.39 -8.18
CA GLY A 73 17.08 7.44 -7.64
C GLY A 73 16.61 8.82 -8.04
N GLY A 74 16.98 9.82 -7.26
CA GLY A 74 16.57 11.18 -7.56
C GLY A 74 15.72 11.81 -6.46
N THR A 75 15.20 13.00 -6.73
CA THR A 75 14.38 13.70 -5.75
C THR A 75 12.92 13.41 -6.01
N VAL A 76 12.19 13.03 -4.95
CA VAL A 76 10.77 12.74 -5.07
C VAL A 76 10.05 13.92 -5.73
N ASP A 77 9.27 13.63 -6.76
CA ASP A 77 8.50 14.65 -7.48
C ASP A 77 7.03 14.23 -7.49
N TYR A 78 6.21 14.87 -6.66
CA TYR A 78 4.80 14.53 -6.59
C TYR A 78 3.97 15.06 -7.75
N GLY A 79 4.56 15.93 -8.57
CA GLY A 79 3.83 16.50 -9.68
C GLY A 79 3.38 17.91 -9.34
N ALA A 80 3.67 18.87 -10.21
CA ALA A 80 3.29 20.25 -9.98
C ALA A 80 1.78 20.45 -9.92
N ALA A 81 1.05 19.70 -10.75
CA ALA A 81 -0.40 19.80 -10.78
C ALA A 81 -0.95 19.25 -9.47
N HIS A 82 -0.48 18.06 -9.11
CA HIS A 82 -0.92 17.40 -7.89
C HIS A 82 -0.58 18.24 -6.65
N ALA A 83 0.66 18.72 -6.58
CA ALA A 83 1.08 19.52 -5.44
C ALA A 83 0.21 20.75 -5.27
N ALA A 84 -0.03 21.45 -6.38
CA ALA A 84 -0.86 22.66 -6.37
C ALA A 84 -2.29 22.34 -5.94
N LYS A 85 -2.83 21.25 -6.49
CA LYS A 85 -4.18 20.84 -6.18
C LYS A 85 -4.43 20.51 -4.71
N HIS A 86 -3.51 19.78 -4.08
CA HIS A 86 -3.71 19.42 -2.68
C HIS A 86 -3.02 20.28 -1.63
N GLY A 87 -2.24 21.26 -2.06
CA GLY A 87 -1.59 22.15 -1.10
C GLY A 87 -0.37 21.65 -0.35
N HIS A 88 0.48 20.84 -0.98
CA HIS A 88 1.70 20.41 -0.31
C HIS A 88 2.89 20.57 -1.24
N ALA A 89 4.10 20.41 -0.70
CA ALA A 89 5.31 20.57 -1.48
C ALA A 89 5.34 19.66 -2.70
N ARG A 90 5.93 20.15 -3.78
CA ARG A 90 6.03 19.36 -5.00
C ARG A 90 7.18 18.36 -4.88
N PHE A 91 8.30 18.81 -4.33
CA PHE A 91 9.47 17.96 -4.19
C PHE A 91 9.65 17.38 -2.78
N GLY A 92 10.26 16.21 -2.71
CA GLY A 92 10.47 15.55 -1.44
C GLY A 92 11.91 15.19 -1.18
N ARG A 93 12.13 13.99 -0.65
CA ARG A 93 13.46 13.51 -0.33
C ARG A 93 14.24 13.07 -1.55
N THR A 94 15.56 13.00 -1.40
CA THR A 94 16.44 12.61 -2.49
C THR A 94 17.06 11.24 -2.19
N TYR A 95 16.93 10.33 -3.15
CA TYR A 95 17.45 8.97 -2.99
C TYR A 95 18.51 8.64 -4.03
N PRO A 96 19.49 7.80 -3.66
CA PRO A 96 20.57 7.38 -4.54
C PRO A 96 20.06 6.42 -5.60
N GLY A 97 19.09 5.59 -5.22
CA GLY A 97 18.53 4.64 -6.16
C GLY A 97 18.84 3.20 -5.82
N LEU A 98 17.80 2.39 -5.61
CA LEU A 98 17.97 0.99 -5.28
C LEU A 98 18.18 0.13 -6.51
N LEU A 99 17.52 0.48 -7.61
CA LEU A 99 17.61 -0.30 -8.84
C LEU A 99 17.64 0.54 -10.12
N PRO A 100 18.63 1.44 -10.26
CA PRO A 100 18.75 2.29 -11.43
C PRO A 100 18.76 1.48 -12.72
N GLU A 101 18.98 0.18 -12.60
CA GLU A 101 18.98 -0.72 -13.76
C GLU A 101 17.60 -0.69 -14.44
N LEU A 102 16.57 -0.28 -13.69
CA LEU A 102 15.22 -0.21 -14.25
C LEU A 102 15.14 0.90 -15.29
N LYS A 103 16.13 1.79 -15.28
CA LYS A 103 16.18 2.89 -16.23
C LYS A 103 16.72 2.45 -17.59
N ARG A 104 17.34 1.27 -17.65
CA ARG A 104 17.88 0.81 -18.93
C ARG A 104 17.57 -0.63 -19.32
N GLY A 105 16.30 -1.02 -19.21
CA GLY A 105 15.91 -2.36 -19.61
C GLY A 105 15.50 -3.33 -18.52
N GLY A 106 16.01 -3.14 -17.31
CA GLY A 106 15.66 -4.04 -16.23
C GLY A 106 14.19 -4.02 -15.87
N ARG A 107 13.73 -5.09 -15.23
CA ARG A 107 12.34 -5.21 -14.80
C ARG A 107 12.36 -5.61 -13.32
N VAL A 108 11.23 -5.46 -12.64
CA VAL A 108 11.18 -5.79 -11.22
C VAL A 108 9.86 -6.43 -10.77
N HIS A 109 9.94 -7.29 -9.77
CA HIS A 109 8.77 -7.93 -9.19
C HIS A 109 8.45 -7.16 -7.93
N ILE A 110 7.18 -6.80 -7.74
CA ILE A 110 6.80 -6.09 -6.54
C ILE A 110 5.85 -6.95 -5.71
N ILE A 111 6.22 -7.19 -4.45
CA ILE A 111 5.37 -7.96 -3.55
C ILE A 111 4.87 -6.95 -2.53
N ALA A 112 3.57 -6.71 -2.52
CA ALA A 112 3.00 -5.72 -1.62
C ALA A 112 1.98 -6.28 -0.64
N HIS A 113 1.88 -5.63 0.52
CA HIS A 113 0.94 -6.05 1.54
C HIS A 113 -0.06 -4.94 1.77
N SER A 114 -1.32 -5.34 1.89
CA SER A 114 -2.43 -4.42 2.12
C SER A 114 -2.35 -3.19 1.22
N GLN A 115 -2.34 -1.98 1.81
CA GLN A 115 -2.31 -0.77 1.00
C GLN A 115 -1.23 -0.77 -0.06
N GLY A 116 -0.12 -1.45 0.21
CA GLY A 116 0.97 -1.52 -0.75
C GLY A 116 0.47 -1.99 -2.11
N GLY A 117 -0.60 -2.79 -2.09
CA GLY A 117 -1.18 -3.31 -3.30
C GLY A 117 -1.72 -2.22 -4.20
N GLN A 118 -2.32 -1.20 -3.59
CA GLN A 118 -2.86 -0.07 -4.33
C GLN A 118 -1.72 0.77 -4.87
N THR A 119 -0.68 0.95 -4.06
CA THR A 119 0.46 1.74 -4.48
C THR A 119 1.13 1.11 -5.70
N ALA A 120 1.35 -0.21 -5.63
CA ALA A 120 1.99 -0.94 -6.72
C ALA A 120 1.20 -0.81 -8.01
N ARG A 121 -0.11 -1.00 -7.94
CA ARG A 121 -0.97 -0.88 -9.12
C ARG A 121 -0.85 0.52 -9.71
N MET A 122 -0.86 1.53 -8.84
CA MET A 122 -0.78 2.90 -9.30
C MET A 122 0.58 3.21 -9.93
N LEU A 123 1.65 2.69 -9.35
CA LEU A 123 2.98 2.91 -9.90
C LEU A 123 3.01 2.37 -11.32
N VAL A 124 2.48 1.18 -11.52
CA VAL A 124 2.44 0.56 -12.84
C VAL A 124 1.61 1.40 -13.80
N SER A 125 0.45 1.87 -13.34
CA SER A 125 -0.42 2.68 -14.19
C SER A 125 0.27 3.98 -14.61
N LEU A 126 0.94 4.64 -13.67
CA LEU A 126 1.63 5.87 -13.96
C LEU A 126 2.80 5.62 -14.90
N LEU A 127 3.56 4.57 -14.65
CA LEU A 127 4.69 4.24 -15.50
C LEU A 127 4.24 4.05 -16.94
N GLU A 128 3.18 3.26 -17.10
CA GLU A 128 2.61 2.93 -18.39
C GLU A 128 1.91 4.07 -19.11
N ASN A 129 1.02 4.75 -18.39
CA ASN A 129 0.25 5.83 -18.99
C ASN A 129 0.67 7.24 -18.61
N GLY A 130 1.46 7.36 -17.54
CA GLY A 130 1.87 8.67 -17.09
C GLY A 130 0.65 9.39 -16.57
N SER A 131 0.66 10.72 -16.61
CA SER A 131 -0.47 11.51 -16.15
C SER A 131 -0.74 12.64 -17.13
N GLN A 132 -1.87 12.55 -17.83
CA GLN A 132 -2.24 13.56 -18.79
C GLN A 132 -2.34 14.92 -18.09
N GLU A 133 -2.93 14.92 -16.91
CA GLU A 133 -3.09 16.14 -16.12
C GLU A 133 -1.74 16.78 -15.80
N GLU A 134 -0.76 15.97 -15.42
CA GLU A 134 0.56 16.50 -15.10
C GLU A 134 1.26 17.00 -16.36
N ARG A 135 1.06 16.29 -17.48
CA ARG A 135 1.69 16.69 -18.74
C ARG A 135 1.11 18.03 -19.20
N GLU A 136 -0.20 18.15 -19.16
CA GLU A 136 -0.85 19.38 -19.59
C GLU A 136 -0.44 20.54 -18.68
N TYR A 137 -0.41 20.30 -17.38
CA TYR A 137 -0.04 21.35 -16.45
C TYR A 137 1.39 21.82 -16.68
N ALA A 138 2.30 20.87 -16.84
CA ALA A 138 3.71 21.20 -17.05
C ALA A 138 3.92 22.05 -18.29
N LYS A 139 3.29 21.67 -19.39
CA LYS A 139 3.43 22.41 -20.63
C LYS A 139 2.74 23.77 -20.57
N ALA A 140 1.58 23.83 -19.92
CA ALA A 140 0.82 25.07 -19.79
C ALA A 140 1.50 26.11 -18.91
N HIS A 141 2.20 25.67 -17.87
CA HIS A 141 2.86 26.61 -16.97
C HIS A 141 4.37 26.62 -17.16
N ASN A 142 4.83 25.86 -18.16
CA ASN A 142 6.25 25.75 -18.48
C ASN A 142 7.12 25.36 -17.28
N VAL A 143 6.79 24.24 -16.67
CA VAL A 143 7.57 23.74 -15.54
C VAL A 143 8.00 22.33 -15.92
N SER A 144 9.03 21.83 -15.24
CA SER A 144 9.55 20.49 -15.53
C SER A 144 8.55 19.39 -15.24
N LEU A 145 8.74 18.25 -15.88
CA LEU A 145 7.85 17.11 -15.70
C LEU A 145 8.65 15.87 -15.33
N SER A 146 8.21 15.17 -14.29
CA SER A 146 8.89 13.95 -13.89
C SER A 146 8.69 12.90 -14.96
N PRO A 147 9.75 12.12 -15.27
CA PRO A 147 9.63 11.08 -16.29
C PRO A 147 8.46 10.16 -15.99
N LEU A 148 8.15 10.01 -14.70
CA LEU A 148 7.06 9.13 -14.28
C LEU A 148 5.69 9.51 -14.88
N PHE A 149 5.52 10.77 -15.24
CA PHE A 149 4.26 11.21 -15.80
C PHE A 149 4.23 11.24 -17.33
N GLU A 150 5.33 10.80 -17.94
CA GLU A 150 5.43 10.79 -19.40
C GLU A 150 4.64 9.65 -20.04
N GLY A 151 4.76 8.47 -19.45
CA GLY A 151 4.10 7.30 -19.99
C GLY A 151 5.12 6.58 -20.84
N GLY A 152 4.82 5.36 -21.27
CA GLY A 152 5.74 4.61 -22.10
C GLY A 152 6.82 3.83 -21.36
N HIS A 153 6.71 3.73 -20.04
CA HIS A 153 7.69 2.99 -19.26
C HIS A 153 7.06 1.68 -18.76
N HIS A 154 7.84 0.61 -18.77
CA HIS A 154 7.32 -0.70 -18.36
C HIS A 154 8.30 -1.49 -17.50
N PHE A 155 8.98 -0.86 -16.56
CA PHE A 155 9.94 -1.66 -15.80
C PHE A 155 9.39 -2.60 -14.73
N VAL A 156 8.08 -2.58 -14.49
CA VAL A 156 7.49 -3.49 -13.50
C VAL A 156 6.98 -4.74 -14.22
N LEU A 157 7.59 -5.89 -13.91
CA LEU A 157 7.20 -7.15 -14.53
C LEU A 157 5.98 -7.77 -13.87
N SER A 158 5.92 -7.70 -12.55
CA SER A 158 4.78 -8.27 -11.84
C SER A 158 4.44 -7.53 -10.56
N VAL A 159 3.17 -7.65 -10.18
CA VAL A 159 2.66 -7.05 -8.97
C VAL A 159 1.90 -8.14 -8.21
N THR A 160 2.33 -8.43 -7.00
CA THR A 160 1.69 -9.43 -6.16
C THR A 160 1.13 -8.71 -4.95
N THR A 161 -0.16 -8.87 -4.70
CA THR A 161 -0.77 -8.23 -3.54
C THR A 161 -1.24 -9.25 -2.52
N ILE A 162 -0.99 -8.95 -1.24
CA ILE A 162 -1.37 -9.83 -0.16
C ILE A 162 -2.30 -9.07 0.78
N ALA A 163 -3.53 -9.57 0.93
CA ALA A 163 -4.52 -8.93 1.79
C ALA A 163 -4.78 -7.47 1.40
N THR A 164 -4.66 -7.16 0.12
CA THR A 164 -4.89 -5.78 -0.33
C THR A 164 -6.36 -5.40 -0.47
N PRO A 165 -6.76 -4.26 0.12
CA PRO A 165 -8.16 -3.83 0.01
C PRO A 165 -8.39 -3.13 -1.32
N HIS A 166 -8.39 -3.89 -2.41
CA HIS A 166 -8.59 -3.32 -3.74
C HIS A 166 -9.90 -2.56 -3.89
N ASP A 167 -10.93 -2.94 -3.13
CA ASP A 167 -12.20 -2.25 -3.20
C ASP A 167 -12.42 -1.49 -1.89
N GLY A 168 -11.35 -1.36 -1.12
CA GLY A 168 -11.41 -0.65 0.14
C GLY A 168 -11.79 -1.59 1.28
N THR A 169 -11.86 -1.04 2.49
CA THR A 169 -12.24 -1.83 3.65
C THR A 169 -13.29 -1.04 4.44
N THR A 170 -14.31 -1.73 4.94
CA THR A 170 -15.36 -1.06 5.70
C THR A 170 -14.86 -0.57 7.06
N LEU A 171 -13.64 -0.93 7.42
CA LEU A 171 -13.05 -0.51 8.68
C LEU A 171 -13.05 1.02 8.70
N VAL A 172 -12.86 1.63 7.54
CA VAL A 172 -12.87 3.08 7.45
C VAL A 172 -14.24 3.60 7.81
N ASN A 173 -15.27 2.84 7.48
CA ASN A 173 -16.64 3.22 7.80
C ASN A 173 -16.81 3.33 9.31
N MET A 174 -16.17 2.42 10.05
CA MET A 174 -16.26 2.47 11.51
C MET A 174 -15.58 3.75 12.00
N VAL A 175 -14.44 4.08 11.40
CA VAL A 175 -13.71 5.29 11.76
C VAL A 175 -14.59 6.51 11.49
N ASP A 176 -15.40 6.46 10.44
CA ASP A 176 -16.28 7.58 10.13
C ASP A 176 -17.30 7.81 11.26
N PHE A 177 -17.79 6.72 11.84
CA PHE A 177 -18.76 6.81 12.94
C PHE A 177 -18.10 7.39 14.19
N THR A 178 -16.91 6.88 14.50
CA THR A 178 -16.16 7.34 15.67
C THR A 178 -15.72 8.80 15.52
N ASP A 179 -15.78 9.32 14.31
CA ASP A 179 -15.36 10.71 14.07
C ASP A 179 -16.26 11.72 14.75
N ARG A 180 -17.54 11.39 14.93
CA ARG A 180 -18.48 12.28 15.60
C ARG A 180 -17.90 12.72 16.94
N PHE A 181 -17.02 11.90 17.48
CA PHE A 181 -16.36 12.20 18.75
C PHE A 181 -14.86 12.17 18.50
N PHE A 182 -14.20 11.09 18.90
CA PHE A 182 -12.77 10.95 18.71
C PHE A 182 -12.39 10.93 17.22
N ASP A 183 -11.79 12.01 16.74
CA ASP A 183 -11.37 12.09 15.34
C ASP A 183 -9.96 11.52 15.22
N LEU A 184 -9.89 10.25 14.85
CA LEU A 184 -8.63 9.53 14.72
C LEU A 184 -7.57 10.16 13.81
N GLN A 185 -7.96 10.54 12.59
CA GLN A 185 -6.99 11.12 11.67
C GLN A 185 -6.35 12.39 12.21
N LYS A 186 -7.17 13.32 12.71
CA LYS A 186 -6.63 14.57 13.25
C LYS A 186 -5.72 14.31 14.44
N ALA A 187 -6.04 13.27 15.21
CA ALA A 187 -5.21 12.94 16.38
C ALA A 187 -3.86 12.41 15.93
N VAL A 188 -3.85 11.55 14.93
CA VAL A 188 -2.62 10.97 14.41
C VAL A 188 -1.72 12.06 13.81
N LEU A 189 -2.34 13.02 13.14
CA LEU A 189 -1.61 14.12 12.53
C LEU A 189 -0.94 15.00 13.57
N LYS A 190 -1.66 15.31 14.64
CA LYS A 190 -1.13 16.15 15.71
C LYS A 190 0.07 15.48 16.34
N ALA A 191 -0.03 14.16 16.53
CA ALA A 191 1.05 13.39 17.13
C ALA A 191 2.27 13.45 16.21
N ALA A 192 2.02 13.33 14.91
CA ALA A 192 3.09 13.37 13.93
C ALA A 192 3.73 14.76 13.94
N ALA A 193 2.90 15.78 14.15
CA ALA A 193 3.39 17.16 14.19
C ALA A 193 4.38 17.30 15.35
N VAL A 194 4.00 16.76 16.50
CA VAL A 194 4.86 16.82 17.68
C VAL A 194 6.16 16.10 17.42
N ALA A 195 6.07 14.85 16.97
CA ALA A 195 7.23 14.02 16.69
C ALA A 195 8.24 14.66 15.72
N SER A 196 7.73 15.37 14.72
CA SER A 196 8.60 16.01 13.73
C SER A 196 9.57 16.99 14.36
N ASN A 197 9.26 17.42 15.58
CA ASN A 197 10.12 18.38 16.27
C ASN A 197 11.04 17.73 17.29
N VAL A 198 10.69 16.52 17.73
CA VAL A 198 11.52 15.81 18.69
C VAL A 198 12.68 15.12 17.98
N PRO A 199 13.91 15.38 18.44
CA PRO A 199 15.19 14.87 17.94
C PRO A 199 15.31 13.47 17.31
N TYR A 200 15.33 12.44 18.15
CA TYR A 200 15.50 11.07 17.66
C TYR A 200 14.31 10.26 17.21
N THR A 201 13.09 10.76 17.44
CA THR A 201 11.88 10.01 17.05
C THR A 201 11.94 9.32 15.69
N SER A 202 12.27 10.08 14.65
CA SER A 202 12.32 9.53 13.29
C SER A 202 13.15 8.27 13.12
N GLN A 203 14.09 8.03 14.04
CA GLN A 203 14.92 6.84 13.99
C GLN A 203 14.10 5.60 14.33
N VAL A 204 13.07 5.80 15.16
CA VAL A 204 12.20 4.71 15.59
C VAL A 204 10.99 4.61 14.67
N TYR A 205 10.38 5.75 14.37
CA TYR A 205 9.22 5.77 13.48
C TYR A 205 9.21 7.08 12.72
N ASP A 206 9.50 7.01 11.43
CA ASP A 206 9.54 8.17 10.56
C ASP A 206 8.20 8.31 9.83
N PHE A 207 7.45 9.35 10.18
CA PHE A 207 6.14 9.60 9.58
C PHE A 207 6.18 9.94 8.09
N LYS A 208 7.31 10.48 7.63
CA LYS A 208 7.48 10.84 6.22
C LYS A 208 6.30 11.66 5.71
N LEU A 209 6.08 12.80 6.37
CA LEU A 209 5.02 13.72 5.99
C LEU A 209 5.64 15.07 5.67
N ASP A 210 6.92 15.03 5.28
CA ASP A 210 7.67 16.24 4.94
C ASP A 210 6.89 17.24 4.09
N GLN A 211 6.19 16.74 3.08
CA GLN A 211 5.44 17.60 2.15
C GLN A 211 4.45 18.54 2.80
N TRP A 212 4.01 18.23 4.01
CA TRP A 212 3.05 19.08 4.70
C TRP A 212 3.70 20.11 5.62
N GLY A 213 5.02 20.03 5.76
CA GLY A 213 5.75 20.97 6.60
C GLY A 213 5.21 21.03 8.01
N LEU A 214 5.05 19.86 8.63
CA LEU A 214 4.53 19.77 9.99
C LEU A 214 5.49 20.24 11.08
N ARG A 215 6.79 20.24 10.81
CA ARG A 215 7.72 20.67 11.85
C ARG A 215 8.01 22.17 11.83
N ARG A 216 8.29 22.72 13.00
CA ARG A 216 8.59 24.15 13.11
C ARG A 216 9.87 24.45 12.35
N GLN A 217 9.81 25.43 11.45
CA GLN A 217 10.99 25.80 10.68
C GLN A 217 12.02 26.59 11.51
N PRO A 218 13.30 26.56 11.08
CA PRO A 218 14.45 27.23 11.72
C PRO A 218 14.23 28.39 12.69
N GLY A 219 13.94 29.58 12.16
CA GLY A 219 13.74 30.72 13.04
C GLY A 219 12.30 31.03 13.37
N GLU A 220 11.42 30.07 13.12
CA GLU A 220 10.00 30.23 13.35
C GLU A 220 9.62 30.16 14.84
N SER A 221 8.88 31.15 15.31
CA SER A 221 8.43 31.20 16.70
C SER A 221 7.25 30.26 16.86
N PHE A 222 7.05 29.77 18.08
CA PHE A 222 5.93 28.86 18.34
C PHE A 222 4.61 29.49 17.92
N ASP A 223 4.48 30.77 18.19
CA ASP A 223 3.28 31.51 17.86
C ASP A 223 2.99 31.46 16.35
N HIS A 224 4.01 31.73 15.55
CA HIS A 224 3.88 31.71 14.11
C HIS A 224 3.62 30.28 13.64
N TYR A 225 4.38 29.36 14.21
CA TYR A 225 4.27 27.94 13.91
C TYR A 225 2.85 27.43 14.12
N PHE A 226 2.27 27.73 15.28
CA PHE A 226 0.93 27.31 15.62
C PHE A 226 -0.10 27.86 14.63
N GLU A 227 0.06 29.14 14.26
CA GLU A 227 -0.85 29.78 13.32
C GLU A 227 -0.75 29.16 11.94
N ARG A 228 0.48 28.84 11.52
CA ARG A 228 0.68 28.24 10.21
C ARG A 228 0.02 26.85 10.15
N LEU A 229 0.21 26.06 11.20
CA LEU A 229 -0.38 24.72 11.25
C LEU A 229 -1.90 24.73 11.16
N LYS A 230 -2.54 25.68 11.83
CA LYS A 230 -3.99 25.78 11.81
C LYS A 230 -4.50 25.98 10.39
N ARG A 231 -3.72 26.69 9.58
CA ARG A 231 -4.11 26.97 8.21
C ARG A 231 -3.75 25.87 7.22
N SER A 232 -3.05 24.84 7.68
CA SER A 232 -2.64 23.75 6.81
C SER A 232 -3.85 23.00 6.26
N PRO A 233 -3.81 22.65 4.96
CA PRO A 233 -4.94 21.93 4.36
C PRO A 233 -4.89 20.43 4.64
N VAL A 234 -3.84 20.00 5.33
CA VAL A 234 -3.66 18.58 5.64
C VAL A 234 -4.77 17.98 6.52
N TRP A 235 -5.31 18.79 7.42
CA TRP A 235 -6.36 18.33 8.32
C TRP A 235 -7.62 17.85 7.60
N THR A 236 -7.98 18.54 6.52
CA THR A 236 -9.18 18.19 5.76
C THR A 236 -8.89 17.61 4.38
N SER A 237 -7.66 17.16 4.17
CA SER A 237 -7.27 16.61 2.87
C SER A 237 -7.74 15.18 2.60
N THR A 238 -8.05 14.92 1.34
CA THR A 238 -8.47 13.60 0.91
C THR A 238 -7.23 12.91 0.32
N ASP A 239 -6.13 13.65 0.26
CA ASP A 239 -4.87 13.13 -0.27
C ASP A 239 -4.17 12.43 0.90
N THR A 240 -4.80 11.35 1.35
CA THR A 240 -4.30 10.56 2.48
C THR A 240 -4.60 9.09 2.23
N ALA A 241 -3.94 8.22 2.99
CA ALA A 241 -4.17 6.79 2.84
C ALA A 241 -5.60 6.44 3.26
N ARG A 242 -6.07 7.07 4.33
CA ARG A 242 -7.42 6.82 4.84
C ARG A 242 -8.48 6.97 3.74
N TYR A 243 -8.33 7.99 2.90
CA TYR A 243 -9.30 8.20 1.83
C TYR A 243 -9.21 7.13 0.74
N ASP A 244 -7.98 6.82 0.31
CA ASP A 244 -7.78 5.81 -0.72
C ASP A 244 -8.21 4.42 -0.22
N LEU A 245 -8.18 4.22 1.09
CA LEU A 245 -8.55 2.94 1.69
C LEU A 245 -10.06 2.77 1.90
N SER A 246 -10.78 3.88 1.95
CA SER A 246 -12.23 3.82 2.16
C SER A 246 -12.91 3.22 0.94
N ILE A 247 -14.21 2.93 1.07
CA ILE A 247 -14.97 2.34 -0.01
C ILE A 247 -15.08 3.29 -1.20
N PRO A 248 -15.49 4.54 -0.96
CA PRO A 248 -15.58 5.46 -2.10
C PRO A 248 -14.22 5.84 -2.67
N GLY A 249 -13.23 5.98 -1.79
CA GLY A 249 -11.89 6.34 -2.25
C GLY A 249 -11.22 5.26 -3.07
N ALA A 250 -11.44 4.00 -2.70
CA ALA A 250 -10.85 2.88 -3.41
C ALA A 250 -11.43 2.74 -4.82
N GLU A 251 -12.71 3.06 -4.97
CA GLU A 251 -13.37 2.97 -6.26
C GLU A 251 -12.85 4.05 -7.18
N LYS A 252 -12.69 5.26 -6.64
CA LYS A 252 -12.17 6.35 -7.44
C LYS A 252 -10.80 5.96 -8.00
N LEU A 253 -10.03 5.26 -7.17
CA LEU A 253 -8.71 4.81 -7.57
C LEU A 253 -8.83 3.76 -8.66
N ASN A 254 -9.79 2.85 -8.51
CA ASN A 254 -10.00 1.80 -9.48
C ASN A 254 -10.47 2.34 -10.83
N GLN A 255 -11.10 3.51 -10.82
CA GLN A 255 -11.59 4.09 -12.06
C GLN A 255 -10.49 4.44 -13.04
N TRP A 256 -9.31 4.77 -12.54
CA TRP A 256 -8.21 5.12 -13.44
C TRP A 256 -6.99 4.21 -13.35
N VAL A 257 -6.85 3.48 -12.25
CA VAL A 257 -5.70 2.58 -12.10
C VAL A 257 -6.10 1.21 -12.60
N GLN A 258 -5.72 0.91 -13.84
CA GLN A 258 -6.07 -0.35 -14.47
C GLN A 258 -4.89 -1.29 -14.70
N ALA A 259 -5.22 -2.56 -14.86
CA ALA A 259 -4.22 -3.60 -15.07
C ALA A 259 -3.54 -3.44 -16.42
N SER A 260 -2.22 -3.33 -16.39
CA SER A 260 -1.46 -3.19 -17.63
C SER A 260 -1.32 -4.56 -18.30
N PRO A 261 -1.47 -4.61 -19.63
CA PRO A 261 -1.35 -5.88 -20.34
C PRO A 261 0.07 -6.44 -20.38
N ASN A 262 1.05 -5.61 -20.03
CA ASN A 262 2.45 -6.02 -20.01
C ASN A 262 2.91 -6.48 -18.63
N THR A 263 1.99 -6.50 -17.67
CA THR A 263 2.35 -6.89 -16.32
C THR A 263 1.51 -8.03 -15.77
N TYR A 264 2.15 -8.94 -15.04
CA TYR A 264 1.47 -10.06 -14.40
C TYR A 264 0.95 -9.57 -13.05
N TYR A 265 -0.24 -10.01 -12.68
CA TYR A 265 -0.82 -9.61 -11.41
C TYR A 265 -1.24 -10.82 -10.61
N LEU A 266 -0.76 -10.92 -9.38
CA LEU A 266 -1.11 -12.02 -8.50
C LEU A 266 -1.72 -11.46 -7.22
N SER A 267 -2.76 -12.10 -6.74
CA SER A 267 -3.41 -11.66 -5.52
C SER A 267 -3.60 -12.80 -4.55
N PHE A 268 -3.41 -12.51 -3.27
CA PHE A 268 -3.60 -13.50 -2.23
C PHE A 268 -4.62 -12.91 -1.27
N SER A 269 -5.63 -13.71 -0.93
CA SER A 269 -6.66 -13.25 -0.03
C SER A 269 -6.48 -13.92 1.32
N THR A 270 -7.00 -13.29 2.36
CA THR A 270 -6.87 -13.79 3.71
C THR A 270 -8.19 -13.70 4.48
N GLU A 271 -8.37 -14.60 5.42
CA GLU A 271 -9.57 -14.61 6.27
C GLU A 271 -9.21 -15.33 7.56
N ARG A 272 -9.78 -14.86 8.67
CA ARG A 272 -9.52 -15.45 9.98
C ARG A 272 -10.79 -15.34 10.82
N THR A 273 -11.92 -15.68 10.20
CA THR A 273 -13.20 -15.60 10.87
C THR A 273 -14.08 -16.82 10.65
N HIS A 274 -15.24 -16.82 11.30
CA HIS A 274 -16.21 -17.90 11.19
C HIS A 274 -17.62 -17.30 11.23
N ARG A 275 -18.49 -17.83 10.39
CA ARG A 275 -19.86 -17.33 10.25
C ARG A 275 -20.88 -17.79 11.29
N GLY A 276 -21.63 -16.83 11.83
CA GLY A 276 -22.66 -17.14 12.80
C GLY A 276 -23.89 -17.65 12.07
N ALA A 277 -24.32 -18.85 12.40
CA ALA A 277 -25.49 -19.48 11.76
C ALA A 277 -26.78 -18.68 11.81
N LEU A 278 -26.97 -17.92 12.88
CA LEU A 278 -28.19 -17.12 13.03
C LEU A 278 -28.20 -15.78 12.30
N THR A 279 -27.17 -14.97 12.54
CA THR A 279 -27.10 -13.64 11.93
C THR A 279 -26.42 -13.57 10.58
N GLY A 280 -25.49 -14.47 10.34
CA GLY A 280 -24.75 -14.44 9.10
C GLY A 280 -23.49 -13.62 9.32
N ASN A 281 -23.45 -12.92 10.46
CA ASN A 281 -22.30 -12.10 10.82
C ASN A 281 -21.07 -13.00 11.01
N TYR A 282 -19.89 -12.42 10.87
CA TYR A 282 -18.65 -13.18 11.03
C TYR A 282 -17.94 -12.76 12.33
N TYR A 283 -17.35 -13.74 12.99
CA TYR A 283 -16.65 -13.51 14.24
C TYR A 283 -15.20 -13.96 14.11
N PRO A 284 -14.29 -13.26 14.79
CA PRO A 284 -12.86 -13.61 14.74
C PRO A 284 -12.60 -14.97 15.36
N GLU A 285 -11.71 -15.75 14.74
CA GLU A 285 -11.38 -17.05 15.27
C GLU A 285 -10.42 -16.82 16.43
N LEU A 286 -10.19 -17.86 17.22
CA LEU A 286 -9.25 -17.75 18.32
C LEU A 286 -7.90 -17.72 17.63
N GLY A 287 -7.08 -16.73 17.98
CA GLY A 287 -5.78 -16.63 17.34
C GLY A 287 -5.58 -15.24 16.76
N MET A 288 -6.57 -14.72 16.06
CA MET A 288 -6.45 -13.38 15.48
C MET A 288 -5.79 -12.46 16.50
N ASN A 289 -4.94 -11.56 16.03
CA ASN A 289 -4.27 -10.64 16.93
C ASN A 289 -5.32 -9.88 17.76
N ALA A 290 -5.02 -9.69 19.04
CA ALA A 290 -5.92 -9.02 19.98
C ALA A 290 -6.53 -7.72 19.49
N PHE A 291 -5.68 -6.83 18.96
CA PHE A 291 -6.17 -5.56 18.47
C PHE A 291 -7.32 -5.72 17.48
N SER A 292 -7.08 -6.50 16.42
CA SER A 292 -8.09 -6.75 15.41
C SER A 292 -9.35 -7.41 15.95
N ALA A 293 -9.15 -8.47 16.73
CA ALA A 293 -10.26 -9.24 17.29
C ALA A 293 -11.26 -8.41 18.12
N VAL A 294 -10.75 -7.49 18.92
CA VAL A 294 -11.59 -6.66 19.78
C VAL A 294 -12.08 -5.37 19.14
N VAL A 295 -11.18 -4.66 18.47
CA VAL A 295 -11.50 -3.38 17.86
C VAL A 295 -12.04 -3.37 16.42
N CYS A 296 -11.52 -4.24 15.56
CA CYS A 296 -11.92 -4.24 14.15
C CYS A 296 -12.84 -5.35 13.62
N ALA A 297 -12.50 -6.60 13.91
CA ALA A 297 -13.28 -7.74 13.44
C ALA A 297 -14.80 -7.64 13.65
N PRO A 298 -15.24 -7.26 14.85
CA PRO A 298 -16.67 -7.15 15.13
C PRO A 298 -17.43 -6.30 14.12
N PHE A 299 -16.91 -5.11 13.83
CA PHE A 299 -17.54 -4.20 12.89
C PHE A 299 -17.44 -4.73 11.47
N LEU A 300 -16.25 -5.22 11.11
CA LEU A 300 -16.02 -5.76 9.77
C LEU A 300 -16.95 -6.92 9.46
N GLY A 301 -17.16 -7.79 10.44
CA GLY A 301 -18.03 -8.94 10.22
C GLY A 301 -19.51 -8.72 10.40
N SER A 302 -19.93 -7.50 10.72
CA SER A 302 -21.35 -7.25 10.91
C SER A 302 -21.88 -6.04 10.15
N TYR A 303 -20.98 -5.16 9.72
CA TYR A 303 -21.39 -3.96 8.99
C TYR A 303 -21.89 -4.24 7.58
N ARG A 304 -23.08 -3.74 7.28
CA ARG A 304 -23.69 -3.91 5.97
C ARG A 304 -24.23 -2.58 5.46
N ASN A 305 -24.29 -2.44 4.15
CA ASN A 305 -24.82 -1.24 3.52
C ASN A 305 -25.23 -1.68 2.12
N GLU A 306 -26.34 -2.41 2.06
CA GLU A 306 -26.87 -2.95 0.81
C GLU A 306 -26.97 -1.94 -0.32
N ALA A 307 -27.40 -0.72 -0.01
CA ALA A 307 -27.53 0.31 -1.02
C ALA A 307 -26.21 0.58 -1.73
N LEU A 308 -25.11 0.50 -0.99
CA LEU A 308 -23.79 0.74 -1.57
C LEU A 308 -23.15 -0.54 -2.10
N GLY A 309 -23.85 -1.66 -1.97
CA GLY A 309 -23.31 -2.92 -2.46
C GLY A 309 -22.56 -3.73 -1.43
N ILE A 310 -22.51 -3.23 -0.20
CA ILE A 310 -21.83 -3.93 0.87
C ILE A 310 -22.79 -4.95 1.46
N ASP A 311 -22.79 -6.15 0.89
CA ASP A 311 -23.68 -7.21 1.34
C ASP A 311 -22.97 -8.23 2.23
N ASP A 312 -23.62 -9.36 2.46
CA ASP A 312 -23.07 -10.43 3.30
C ASP A 312 -21.72 -10.93 2.84
N ARG A 313 -21.40 -10.74 1.56
CA ARG A 313 -20.14 -11.19 1.00
C ARG A 313 -18.94 -10.37 1.50
N TRP A 314 -19.23 -9.29 2.22
CA TRP A 314 -18.19 -8.41 2.76
C TRP A 314 -17.87 -8.67 4.23
N LEU A 315 -18.64 -9.56 4.86
CA LEU A 315 -18.45 -9.83 6.27
C LEU A 315 -17.23 -10.70 6.61
N GLU A 316 -16.88 -11.63 5.74
CA GLU A 316 -15.70 -12.44 6.01
C GLU A 316 -14.51 -11.48 5.98
N ASN A 317 -13.59 -11.62 6.93
CA ASN A 317 -12.44 -10.72 6.97
C ASN A 317 -11.23 -11.30 7.68
N ASP A 318 -10.12 -10.57 7.62
CA ASP A 318 -8.88 -11.02 8.25
C ASP A 318 -8.49 -10.15 9.44
N GLY A 319 -9.45 -9.39 9.96
CA GLY A 319 -9.19 -8.53 11.11
C GLY A 319 -9.01 -7.06 10.77
N ILE A 320 -8.65 -6.77 9.51
CA ILE A 320 -8.44 -5.40 9.07
C ILE A 320 -9.14 -5.11 7.75
N VAL A 321 -9.12 -6.09 6.84
CA VAL A 321 -9.73 -5.91 5.53
C VAL A 321 -10.71 -7.01 5.15
N ASN A 322 -11.77 -6.62 4.45
CA ASN A 322 -12.80 -7.57 4.00
C ASN A 322 -12.19 -8.44 2.91
N THR A 323 -12.31 -9.75 3.08
CA THR A 323 -11.74 -10.72 2.14
C THR A 323 -12.18 -10.54 0.68
N VAL A 324 -13.46 -10.26 0.45
CA VAL A 324 -13.97 -10.09 -0.92
C VAL A 324 -13.27 -8.94 -1.66
N SER A 325 -12.68 -8.03 -0.90
CA SER A 325 -11.99 -6.88 -1.48
C SER A 325 -10.57 -7.20 -1.95
N MET A 326 -10.07 -8.38 -1.58
CA MET A 326 -8.70 -8.78 -1.88
C MET A 326 -8.30 -9.46 -3.20
N ASN A 327 -9.21 -10.17 -3.86
CA ASN A 327 -8.83 -10.86 -5.08
C ASN A 327 -8.46 -9.96 -6.26
N GLY A 328 -8.86 -8.70 -6.21
CA GLY A 328 -8.55 -7.79 -7.29
C GLY A 328 -9.55 -6.65 -7.28
N PRO A 329 -9.27 -5.55 -7.99
CA PRO A 329 -10.21 -4.44 -8.02
C PRO A 329 -11.49 -4.84 -8.74
N LYS A 330 -12.63 -4.42 -8.21
CA LYS A 330 -13.92 -4.75 -8.82
C LYS A 330 -14.83 -3.54 -8.86
N ARG A 331 -14.87 -2.78 -7.77
CA ARG A 331 -15.70 -1.58 -7.71
C ARG A 331 -15.14 -0.49 -8.59
N GLY A 332 -15.89 -0.15 -9.65
CA GLY A 332 -15.45 0.88 -10.57
C GLY A 332 -14.27 0.44 -11.41
N SER A 333 -14.08 -0.87 -11.51
CA SER A 333 -12.96 -1.43 -12.28
C SER A 333 -13.38 -2.32 -13.45
N SER A 334 -12.57 -2.33 -14.49
CA SER A 334 -12.83 -3.16 -15.65
C SER A 334 -11.79 -4.29 -15.72
N ASP A 335 -10.96 -4.38 -14.67
CA ASP A 335 -9.94 -5.41 -14.60
C ASP A 335 -10.59 -6.79 -14.54
N ARG A 336 -9.90 -7.79 -15.08
CA ARG A 336 -10.42 -9.15 -15.06
C ARG A 336 -9.68 -9.96 -14.00
N ILE A 337 -10.44 -10.81 -13.31
CA ILE A 337 -9.89 -11.66 -12.26
C ILE A 337 -10.19 -13.10 -12.62
N VAL A 338 -9.15 -13.92 -12.70
CA VAL A 338 -9.33 -15.33 -13.04
C VAL A 338 -8.66 -16.23 -11.99
N PRO A 339 -9.31 -17.35 -11.66
CA PRO A 339 -8.77 -18.29 -10.68
C PRO A 339 -7.47 -18.88 -11.21
N TYR A 340 -6.46 -18.99 -10.35
CA TYR A 340 -5.18 -19.57 -10.77
C TYR A 340 -5.43 -20.96 -11.31
N ASP A 341 -5.00 -21.21 -12.55
CA ASP A 341 -5.19 -22.51 -13.17
C ASP A 341 -3.87 -23.20 -13.51
N GLY A 342 -2.82 -22.88 -12.78
CA GLY A 342 -1.54 -23.51 -13.03
C GLY A 342 -0.65 -22.73 -13.99
N THR A 343 -1.24 -21.77 -14.70
CA THR A 343 -0.48 -20.95 -15.63
C THR A 343 -0.83 -19.47 -15.43
N LEU A 344 0.17 -18.70 -15.01
CA LEU A 344 0.01 -17.27 -14.76
C LEU A 344 -0.11 -16.47 -16.05
N LYS A 345 -1.11 -15.58 -16.09
CA LYS A 345 -1.38 -14.79 -17.28
C LYS A 345 -1.16 -13.28 -17.08
N LYS A 346 -0.81 -12.58 -18.16
CA LYS A 346 -0.59 -11.14 -18.11
C LYS A 346 -1.89 -10.34 -18.26
N GLY A 347 -1.86 -9.11 -17.75
CA GLY A 347 -2.99 -8.21 -17.88
C GLY A 347 -4.26 -8.56 -17.12
N VAL A 348 -4.18 -9.57 -16.26
CA VAL A 348 -5.34 -9.97 -15.48
C VAL A 348 -4.89 -10.33 -14.08
N TRP A 349 -5.84 -10.38 -13.15
CA TRP A 349 -5.51 -10.75 -11.78
C TRP A 349 -5.57 -12.26 -11.62
N ASN A 350 -4.45 -12.83 -11.22
CA ASN A 350 -4.38 -14.27 -11.01
C ASN A 350 -4.70 -14.51 -9.53
N ASP A 351 -5.94 -14.90 -9.26
CA ASP A 351 -6.41 -15.16 -7.92
C ASP A 351 -5.71 -16.42 -7.41
N MET A 352 -4.70 -16.23 -6.57
CA MET A 352 -3.92 -17.36 -6.04
C MET A 352 -4.60 -18.11 -4.90
N GLY A 353 -5.78 -17.66 -4.48
CA GLY A 353 -6.49 -18.34 -3.41
C GLY A 353 -6.67 -17.54 -2.12
N THR A 354 -7.42 -18.12 -1.19
CA THR A 354 -7.68 -17.51 0.10
C THR A 354 -6.97 -18.31 1.18
N TYR A 355 -6.28 -17.63 2.08
CA TYR A 355 -5.56 -18.30 3.15
C TYR A 355 -6.12 -17.97 4.53
N ASN A 356 -6.07 -18.96 5.41
CA ASN A 356 -6.56 -18.83 6.79
C ASN A 356 -5.49 -18.23 7.68
N VAL A 357 -5.24 -16.94 7.51
CA VAL A 357 -4.23 -16.22 8.29
C VAL A 357 -4.73 -14.79 8.34
N ASP A 358 -4.54 -14.09 9.47
CA ASP A 358 -5.04 -12.72 9.52
C ASP A 358 -4.08 -11.71 8.92
N HIS A 359 -4.53 -10.45 8.91
CA HIS A 359 -3.79 -9.34 8.33
C HIS A 359 -2.34 -9.19 8.79
N LEU A 360 -2.10 -9.43 10.07
CA LEU A 360 -0.76 -9.30 10.63
C LEU A 360 0.07 -10.58 10.58
N GLU A 361 -0.58 -11.73 10.73
CA GLU A 361 0.12 -13.01 10.72
C GLU A 361 0.77 -13.29 9.37
N VAL A 362 0.11 -12.86 8.29
CA VAL A 362 0.61 -13.11 6.96
C VAL A 362 1.95 -12.43 6.68
N ILE A 363 2.33 -11.46 7.51
CA ILE A 363 3.61 -10.77 7.35
C ILE A 363 4.50 -11.04 8.58
N GLY A 364 4.01 -11.91 9.46
CA GLY A 364 4.78 -12.28 10.63
C GLY A 364 4.72 -11.34 11.83
N VAL A 365 3.99 -10.24 11.70
CA VAL A 365 3.89 -9.28 12.80
C VAL A 365 3.16 -9.92 13.98
N ASP A 366 2.29 -10.87 13.67
CA ASP A 366 1.55 -11.58 14.71
C ASP A 366 1.91 -13.05 14.51
N PRO A 367 2.19 -13.77 15.61
CA PRO A 367 2.55 -15.19 15.50
C PRO A 367 1.41 -16.12 15.10
N ASN A 368 1.77 -17.23 14.46
CA ASN A 368 0.80 -18.23 14.04
C ASN A 368 1.60 -19.44 13.58
N PRO A 369 2.06 -20.26 14.55
CA PRO A 369 2.85 -21.46 14.29
C PRO A 369 2.29 -22.33 13.16
N SER A 370 0.97 -22.34 13.02
CA SER A 370 0.32 -23.14 11.98
C SER A 370 0.64 -22.61 10.58
N PHE A 371 0.98 -21.33 10.48
CA PHE A 371 1.30 -20.72 9.20
C PHE A 371 2.78 -20.79 8.88
N ASP A 372 3.12 -21.58 7.86
CA ASP A 372 4.51 -21.73 7.44
C ASP A 372 4.86 -20.52 6.59
N ILE A 373 5.08 -19.39 7.25
CA ILE A 373 5.39 -18.14 6.58
C ILE A 373 6.60 -18.25 5.64
N ARG A 374 7.63 -18.97 6.08
CA ARG A 374 8.83 -19.16 5.28
C ARG A 374 8.50 -19.75 3.91
N ALA A 375 7.78 -20.86 3.93
CA ALA A 375 7.39 -21.55 2.71
C ALA A 375 6.47 -20.72 1.80
N PHE A 376 5.59 -19.92 2.40
CA PHE A 376 4.68 -19.10 1.62
C PHE A 376 5.44 -18.12 0.72
N TYR A 377 6.42 -17.43 1.30
CA TYR A 377 7.19 -16.46 0.54
C TYR A 377 8.20 -17.05 -0.42
N LEU A 378 8.81 -18.18 -0.06
CA LEU A 378 9.77 -18.82 -0.94
C LEU A 378 9.02 -19.38 -2.16
N ARG A 379 7.84 -19.92 -1.91
CA ARG A 379 7.01 -20.50 -2.95
C ARG A 379 6.55 -19.39 -3.90
N LEU A 380 6.27 -18.21 -3.34
CA LEU A 380 5.85 -17.07 -4.16
C LEU A 380 7.02 -16.63 -5.03
N ALA A 381 8.20 -16.50 -4.42
CA ALA A 381 9.40 -16.10 -5.14
C ALA A 381 9.66 -16.99 -6.33
N GLU A 382 9.50 -18.31 -6.13
CA GLU A 382 9.71 -19.28 -7.21
C GLU A 382 8.76 -19.02 -8.37
N GLN A 383 7.51 -18.76 -8.06
CA GLN A 383 6.53 -18.49 -9.10
C GLN A 383 6.86 -17.21 -9.86
N LEU A 384 7.27 -16.17 -9.13
CA LEU A 384 7.61 -14.91 -9.78
C LEU A 384 8.81 -15.14 -10.70
N ALA A 385 9.76 -15.94 -10.25
CA ALA A 385 10.96 -16.24 -11.04
C ALA A 385 10.63 -17.10 -12.25
N SER A 386 9.49 -17.78 -12.21
CA SER A 386 9.08 -18.64 -13.32
C SER A 386 8.36 -17.85 -14.41
N LEU A 387 8.05 -16.60 -14.12
CA LEU A 387 7.35 -15.77 -15.09
C LEU A 387 8.18 -15.51 -16.33
N ARG A 388 7.51 -15.56 -17.48
CA ARG A 388 8.17 -15.32 -18.76
C ARG A 388 8.11 -13.84 -19.08
N PRO A 389 9.27 -13.20 -19.30
CA PRO A 389 9.32 -11.77 -19.63
C PRO A 389 8.41 -11.43 -20.80
CA CA B . -2.04 -15.26 16.40
ZN ZN C . -0.11 14.29 -2.47
O1 EGC D . -2.59 -1.67 5.25
C2 EGC D . -3.64 -1.90 6.19
C3 EGC D . -4.91 -1.26 5.67
O4 EGC D . -5.61 -0.71 6.76
C5 EGC D . -6.81 -0.08 6.37
C6 EGC D . -7.48 0.45 7.64
O7 EGC D . -7.72 1.85 7.52
C8 EGC D . -8.34 2.34 8.70
C9 EGC D . -8.59 3.83 8.56
O10 EGC D . -7.81 4.52 9.51
C11 EGC D . -8.01 5.93 9.42
C12 EGC D . -7.16 6.63 10.45
C14 EGC D . -5.25 7.91 10.75
C15 EGC D . -4.06 8.55 10.04
C17 EGC D . -3.41 9.94 8.32
C18 EGC D . -3.91 10.80 7.16
C20 EGC D . -1.72 11.52 6.55
O13 EGC D . -6.05 7.23 9.79
O16 EGC D . -4.52 9.35 8.97
O19 EGC D . -3.05 11.93 6.92
O1 EGC E . 0.97 -3.61 10.81
C2 EGC E . -0.16 -3.42 9.97
C3 EGC E . -0.79 -2.09 10.31
O4 EGC E . -2.19 -2.23 10.42
C5 EGC E . -2.78 -0.97 10.73
C6 EGC E . -4.30 -1.13 10.85
O7 EGC E . -4.83 0.06 11.43
C8 EGC E . -6.25 -0.03 11.57
C9 EGC E . -6.76 1.26 12.20
O10 EGC E . -7.86 0.93 13.05
C11 EGC E . -8.42 2.07 13.67
C12 EGC E . -9.57 1.63 14.57
C14 EGC E . -11.45 2.38 15.71
C15 EGC E . -12.30 3.59 16.03
O13 EGC E . -10.37 2.77 14.86
O16 EGC E . -11.50 4.57 16.69
C1 MPD F . 1.04 4.14 12.68
C2 MPD F . 0.44 5.12 13.69
O2 MPD F . 0.29 4.48 14.95
CM MPD F . 1.38 6.31 13.83
C3 MPD F . -0.93 5.65 13.17
C4 MPD F . -2.00 4.53 12.98
O4 MPD F . -2.26 3.86 14.20
C5 MPD F . -3.30 5.14 12.46
C1 MPD G . 6.37 18.22 -20.79
C2 MPD G . 7.76 18.63 -21.29
O2 MPD G . 8.75 18.22 -20.33
CM MPD G . 8.03 17.94 -22.62
C3 MPD G . 7.83 20.17 -21.51
C4 MPD G . 7.57 20.98 -20.21
O4 MPD G . 8.54 20.68 -19.21
C5 MPD G . 7.65 22.48 -20.53
C1 MPD H . 9.78 22.41 17.88
C2 MPD H . 11.03 23.05 18.47
O2 MPD H . 12.25 22.73 17.72
CM MPD H . 10.72 24.47 18.42
C3 MPD H . 11.13 22.62 19.93
C4 MPD H . 11.55 21.19 20.04
O4 MPD H . 12.96 21.22 19.73
C5 MPD H . 11.42 20.74 21.47
#